data_3EYX
#
_entry.id   3EYX
#
_cell.length_a   60.570
_cell.length_b   155.730
_cell.length_c   89.690
_cell.angle_alpha   90.00
_cell.angle_beta   90.00
_cell.angle_gamma   90.00
#
_symmetry.space_group_name_H-M   'C 2 2 21'
#
loop_
_entity.id
_entity.type
_entity.pdbx_description
1 polymer 'Carbonic anhydrase'
2 non-polymer 'ZINC ION'
3 non-polymer 'ACETATE ION'
4 non-polymer 1,2-ETHANEDIOL
5 water water
#
_entity_poly.entity_id   1
_entity_poly.type   'polypeptide(L)'
_entity_poly.pdbx_seq_one_letter_code
;MHHHHHHGHNSNLQDILAANAKWASQMNNIQPTLFPDHNAKGQSPHTLFIGCSDSRYNENCLGVLPGEVFTWKNVANICH
SEDLTLKATLEFAIICLKVNKVIICGHTDCGGIKTCLTNQREALPKVNCSHLYKYLDDIDTMYHEESQNLIHLKTQREKS
HYLSHCNVKRQFNRIIENPTVQTAVQNGELQVYGLLYNVEDGLLQTVSTYTKVTPK
;
_entity_poly.pdbx_strand_id   A,B
#
loop_
_chem_comp.id
_chem_comp.type
_chem_comp.name
_chem_comp.formula
ACT non-polymer 'ACETATE ION' 'C2 H3 O2 -1'
EDO non-polymer 1,2-ETHANEDIOL 'C2 H6 O2'
ZN non-polymer 'ZINC ION' 'Zn 2'
#
# COMPACT_ATOMS: atom_id res chain seq x y z
N ASN A 12 -15.19 10.30 -16.77
CA ASN A 12 -14.49 10.43 -15.45
C ASN A 12 -13.00 10.06 -15.44
N LEU A 13 -12.61 9.11 -16.30
CA LEU A 13 -11.19 8.89 -16.56
C LEU A 13 -10.55 10.17 -17.12
N GLN A 14 -11.26 10.86 -18.01
CA GLN A 14 -10.74 12.12 -18.56
C GLN A 14 -10.57 13.20 -17.49
N ASP A 15 -11.41 13.18 -16.45
CA ASP A 15 -11.25 14.07 -15.30
C ASP A 15 -9.97 13.74 -14.54
N ILE A 16 -9.74 12.44 -14.34
CA ILE A 16 -8.53 11.94 -13.65
C ILE A 16 -7.27 12.33 -14.41
N LEU A 17 -7.24 12.05 -15.72
CA LEU A 17 -6.09 12.42 -16.56
C LEU A 17 -5.82 13.93 -16.56
N ALA A 18 -6.90 14.72 -16.53
CA ALA A 18 -6.81 16.18 -16.39
C ALA A 18 -6.25 16.59 -15.03
N ALA A 19 -6.78 16.02 -13.95
CA ALA A 19 -6.28 16.28 -12.60
C ALA A 19 -4.80 15.88 -12.46
N ASN A 20 -4.45 14.74 -13.07
CA ASN A 20 -3.06 14.28 -13.07
C ASN A 20 -2.10 15.19 -13.83
N ALA A 21 -2.51 15.64 -15.02
CA ALA A 21 -1.68 16.55 -15.85
C ALA A 21 -1.37 17.88 -15.15
N LYS A 22 -2.37 18.43 -14.46
CA LYS A 22 -2.24 19.63 -13.65
C LYS A 22 -1.24 19.38 -12.53
N TRP A 23 -1.47 18.29 -11.79
CA TRP A 23 -0.62 17.89 -10.67
C TRP A 23 0.83 17.68 -11.11
N ALA A 24 1.01 17.03 -12.25
CA ALA A 24 2.35 16.72 -12.78
C ALA A 24 3.12 17.95 -13.25
N SER A 25 2.43 18.90 -13.90
CA SER A 25 3.08 20.13 -14.36
C SER A 25 3.57 20.93 -13.16
N GLN A 26 2.76 20.99 -12.11
CA GLN A 26 3.15 21.65 -10.87
C GLN A 26 4.29 20.92 -10.19
N MET A 27 4.19 19.60 -10.15
CA MET A 27 5.22 18.77 -9.51
C MET A 27 6.57 18.87 -10.22
N ASN A 28 6.56 18.96 -11.55
CA ASN A 28 7.80 19.15 -12.32
C ASN A 28 8.53 20.41 -11.90
N ASN A 29 7.76 21.49 -11.70
CA ASN A 29 8.28 22.79 -11.26
C ASN A 29 8.80 22.78 -9.83
N ILE A 30 8.04 22.18 -8.91
CA ILE A 30 8.36 22.19 -7.48
C ILE A 30 9.53 21.28 -7.13
N GLN A 31 9.52 20.06 -7.69
CA GLN A 31 10.52 19.05 -7.36
C GLN A 31 11.16 18.47 -8.62
N PRO A 32 12.04 19.27 -9.28
CA PRO A 32 12.56 18.81 -10.57
C PRO A 32 13.48 17.59 -10.43
N THR A 33 14.08 17.40 -9.26
CA THR A 33 14.98 16.27 -8.99
C THR A 33 14.24 14.94 -8.84
N LEU A 34 12.92 15.00 -8.63
CA LEU A 34 12.09 13.80 -8.50
C LEU A 34 11.97 13.07 -9.84
N PHE A 35 11.98 13.85 -10.91
CA PHE A 35 11.72 13.34 -12.26
C PHE A 35 13.04 13.23 -13.04
N SER A 44 15.77 5.89 -4.34
CA SER A 44 16.67 5.67 -3.21
C SER A 44 16.01 6.00 -1.86
N PRO A 45 14.87 5.34 -1.54
CA PRO A 45 14.16 5.64 -0.29
C PRO A 45 14.95 5.20 0.95
N HIS A 46 14.74 5.86 2.08
CA HIS A 46 15.44 5.53 3.33
C HIS A 46 14.53 4.86 4.35
N THR A 47 13.24 4.78 4.02
CA THR A 47 12.21 4.31 4.95
C THR A 47 11.23 3.35 4.26
N LEU A 48 10.90 2.26 4.95
CA LEU A 48 9.73 1.45 4.61
C LEU A 48 8.57 1.83 5.53
N PHE A 49 7.50 2.34 4.94
CA PHE A 49 6.30 2.71 5.69
C PHE A 49 5.23 1.64 5.50
N ILE A 50 4.74 1.09 6.59
CA ILE A 50 3.63 0.14 6.52
C ILE A 50 2.40 0.76 7.19
N GLY A 51 1.35 0.99 6.42
CA GLY A 51 0.17 1.67 6.94
C GLY A 51 -1.12 1.10 6.40
N CYS A 52 -2.23 1.59 6.94
CA CYS A 52 -3.52 1.12 6.51
C CYS A 52 -3.86 1.73 5.16
N SER A 53 -4.66 1.01 4.37
CA SER A 53 -5.17 1.51 3.09
C SER A 53 -6.07 2.75 3.24
N ASP A 54 -6.55 2.99 4.45
CA ASP A 54 -7.35 4.17 4.78
C ASP A 54 -6.96 5.42 3.97
N SER A 55 -7.97 6.06 3.37
CA SER A 55 -7.78 7.19 2.46
C SER A 55 -7.31 8.47 3.12
N ARG A 56 -7.34 8.51 4.45
CA ARG A 56 -7.12 9.75 5.18
C ARG A 56 -5.65 10.03 5.45
N TYR A 57 -4.80 9.02 5.29
CA TYR A 57 -3.38 9.22 5.46
C TYR A 57 -2.54 8.28 4.59
N ASN A 58 -1.26 8.61 4.48
CA ASN A 58 -0.26 7.78 3.82
C ASN A 58 1.12 8.19 4.35
N GLU A 59 2.17 7.83 3.62
CA GLU A 59 3.53 8.11 4.04
C GLU A 59 3.84 9.61 4.17
N ASN A 60 3.03 10.46 3.55
CA ASN A 60 3.25 11.91 3.60
C ASN A 60 3.12 12.52 5.00
N CYS A 61 2.36 11.85 5.87
CA CYS A 61 2.27 12.23 7.29
C CYS A 61 3.63 12.24 8.02
N LEU A 62 4.62 11.57 7.45
CA LEU A 62 5.98 11.58 8.00
C LEU A 62 6.72 12.90 7.76
N GLY A 63 6.18 13.75 6.88
CA GLY A 63 6.79 15.03 6.55
C GLY A 63 7.99 14.87 5.63
N VAL A 64 7.90 13.88 4.73
CA VAL A 64 8.92 13.58 3.71
C VAL A 64 8.48 14.13 2.35
N LEU A 65 9.41 14.20 1.40
CA LEU A 65 9.05 14.45 0.00
C LEU A 65 8.95 13.12 -0.73
N PRO A 66 8.34 13.11 -1.95
CA PRO A 66 8.31 11.87 -2.72
C PRO A 66 9.70 11.35 -3.00
N GLY A 67 9.82 10.02 -3.09
CA GLY A 67 11.09 9.37 -3.33
C GLY A 67 11.79 8.96 -2.06
N GLU A 68 11.32 9.45 -0.91
CA GLU A 68 11.95 9.12 0.37
C GLU A 68 11.40 7.87 1.03
N VAL A 69 10.13 7.57 0.79
CA VAL A 69 9.45 6.51 1.52
C VAL A 69 8.81 5.46 0.63
N PHE A 70 9.34 4.25 0.73
CA PHE A 70 8.80 3.06 0.09
C PHE A 70 7.63 2.56 0.96
N THR A 71 6.46 2.33 0.36
CA THR A 71 5.24 2.08 1.15
C THR A 71 4.45 0.79 0.86
N TRP A 72 4.21 0.03 1.93
CA TRP A 72 3.26 -1.08 1.88
C TRP A 72 1.97 -0.64 2.59
N LYS A 73 0.90 -0.54 1.84
CA LYS A 73 -0.37 -0.03 2.35
C LYS A 73 -1.42 -1.11 2.18
N ASN A 74 -2.01 -1.58 3.29
CA ASN A 74 -3.01 -2.64 3.23
C ASN A 74 -4.11 -2.49 4.28
N VAL A 75 -5.24 -3.15 4.06
CA VAL A 75 -6.37 -3.05 4.98
C VAL A 75 -5.94 -3.40 6.40
N ALA A 76 -6.10 -2.43 7.30
CA ALA A 76 -5.76 -2.56 8.74
C ALA A 76 -4.29 -2.86 9.04
N ASN A 77 -3.39 -2.46 8.15
CA ASN A 77 -1.93 -2.68 8.31
C ASN A 77 -1.54 -4.02 8.98
N ILE A 78 -2.09 -5.12 8.48
CA ILE A 78 -1.86 -6.46 9.03
C ILE A 78 -0.57 -7.08 8.49
N CYS A 79 0.30 -7.49 9.40
CA CYS A 79 1.59 -8.10 9.08
C CYS A 79 1.70 -9.50 9.67
N HIS A 80 1.08 -10.49 9.01
CA HIS A 80 1.21 -11.89 9.44
C HIS A 80 2.67 -12.33 9.27
N SER A 81 3.25 -12.92 10.30
CA SER A 81 4.66 -13.35 10.32
C SER A 81 5.06 -14.26 9.16
N GLU A 82 4.19 -15.20 8.82
CA GLU A 82 4.48 -16.19 7.78
C GLU A 82 3.92 -15.81 6.39
N ASP A 83 3.39 -14.60 6.28
CA ASP A 83 2.91 -14.06 5.00
C ASP A 83 4.06 -13.77 4.04
N LEU A 84 3.92 -14.23 2.80
CA LEU A 84 4.93 -14.02 1.76
C LEU A 84 5.21 -12.56 1.42
N THR A 85 4.15 -11.75 1.35
CA THR A 85 4.28 -10.32 1.03
C THR A 85 5.07 -9.56 2.10
N LEU A 86 4.82 -9.86 3.37
CA LEU A 86 5.60 -9.28 4.48
C LEU A 86 7.09 -9.61 4.37
N LYS A 87 7.39 -10.90 4.25
CA LYS A 87 8.77 -11.36 4.14
C LYS A 87 9.45 -10.80 2.90
N ALA A 88 8.79 -10.90 1.75
CA ALA A 88 9.25 -10.30 0.51
C ALA A 88 9.51 -8.79 0.60
N THR A 89 8.55 -8.07 1.18
CA THR A 89 8.65 -6.61 1.36
C THR A 89 9.78 -6.20 2.31
N LEU A 90 9.93 -6.91 3.43
CA LEU A 90 11.02 -6.62 4.37
C LEU A 90 12.38 -6.91 3.75
N GLU A 91 12.48 -8.05 3.07
CA GLU A 91 13.72 -8.40 2.35
C GLU A 91 14.12 -7.36 1.31
N PHE A 92 13.17 -6.98 0.45
CA PHE A 92 13.43 -5.94 -0.54
C PHE A 92 13.85 -4.60 0.08
N ALA A 93 13.03 -4.07 0.98
CA ALA A 93 13.33 -2.79 1.66
C ALA A 93 14.70 -2.78 2.34
N ILE A 94 14.96 -3.82 3.14
CA ILE A 94 16.17 -3.86 3.97
C ILE A 94 17.42 -4.24 3.17
N ILE A 95 17.35 -5.34 2.43
CA ILE A 95 18.54 -5.88 1.79
C ILE A 95 18.84 -5.22 0.45
N CYS A 96 17.80 -4.95 -0.35
CA CYS A 96 18.01 -4.44 -1.69
C CYS A 96 17.98 -2.90 -1.74
N LEU A 97 16.93 -2.29 -1.20
CA LEU A 97 16.82 -0.82 -1.14
C LEU A 97 17.69 -0.20 -0.08
N LYS A 98 17.96 -0.98 0.97
CA LYS A 98 18.76 -0.53 2.11
C LYS A 98 18.18 0.63 2.93
N VAL A 99 16.86 0.61 3.09
CA VAL A 99 16.20 1.53 4.03
C VAL A 99 16.85 1.37 5.40
N ASN A 100 16.92 2.45 6.16
CA ASN A 100 17.41 2.38 7.53
C ASN A 100 16.30 2.52 8.57
N LYS A 101 15.06 2.67 8.08
CA LYS A 101 13.88 2.74 8.94
C LYS A 101 12.76 1.88 8.39
N VAL A 102 12.13 1.11 9.29
CA VAL A 102 10.84 0.47 8.99
C VAL A 102 9.87 1.06 10.00
N ILE A 103 8.78 1.62 9.49
CA ILE A 103 7.77 2.21 10.32
C ILE A 103 6.46 1.48 10.10
N ILE A 104 5.94 0.87 11.16
CA ILE A 104 4.57 0.35 11.13
C ILE A 104 3.66 1.40 11.74
N CYS A 105 2.77 1.94 10.91
CA CYS A 105 1.94 3.06 11.32
C CYS A 105 0.46 2.77 11.16
N GLY A 106 -0.18 2.48 12.29
CA GLY A 106 -1.63 2.34 12.31
C GLY A 106 -2.27 3.71 12.44
N HIS A 107 -3.58 3.74 12.64
CA HIS A 107 -4.30 4.98 12.80
C HIS A 107 -5.58 4.78 13.62
N THR A 108 -6.07 5.87 14.19
CA THR A 108 -7.31 5.90 14.94
C THR A 108 -8.48 5.85 13.96
N ASP A 109 -9.61 5.31 14.44
CA ASP A 109 -10.85 5.25 13.66
C ASP A 109 -10.66 4.32 12.45
N CYS A 110 -10.04 3.16 12.69
CA CYS A 110 -9.72 2.20 11.63
C CYS A 110 -10.92 1.31 11.33
N GLY A 111 -11.36 1.30 10.07
CA GLY A 111 -12.53 0.56 9.64
C GLY A 111 -12.55 -0.90 10.04
N GLY A 112 -11.46 -1.60 9.77
CA GLY A 112 -11.33 -3.03 10.09
C GLY A 112 -11.46 -3.33 11.57
N ILE A 113 -10.82 -2.50 12.39
CA ILE A 113 -10.91 -2.64 13.84
C ILE A 113 -12.35 -2.39 14.36
N LYS A 114 -12.97 -1.29 13.90
CA LYS A 114 -14.36 -0.96 14.25
C LYS A 114 -15.35 -2.09 13.93
N THR A 115 -15.17 -2.69 12.76
CA THR A 115 -16.01 -3.78 12.30
C THR A 115 -16.00 -4.97 13.26
N CYS A 116 -14.84 -5.24 13.84
CA CYS A 116 -14.73 -6.26 14.88
C CYS A 116 -15.28 -5.76 16.22
N LEU A 117 -14.88 -4.56 16.62
CA LEU A 117 -15.28 -3.96 17.91
C LEU A 117 -16.80 -3.84 18.06
N THR A 118 -17.47 -3.46 16.97
CA THR A 118 -18.93 -3.35 16.92
C THR A 118 -19.62 -4.67 16.54
N ASN A 119 -18.86 -5.77 16.54
CA ASN A 119 -19.40 -7.12 16.25
C ASN A 119 -20.16 -7.23 14.93
N GLN A 120 -19.65 -6.52 13.92
CA GLN A 120 -20.24 -6.49 12.60
C GLN A 120 -19.50 -7.37 11.57
N ARG A 121 -18.41 -8.01 12.01
CA ARG A 121 -17.65 -8.94 11.16
C ARG A 121 -18.49 -10.17 10.78
N GLU A 122 -19.24 -10.71 11.74
CA GLU A 122 -20.21 -11.80 11.53
C GLU A 122 -21.11 -11.56 10.32
N ALA A 123 -21.46 -10.29 10.08
CA ALA A 123 -22.42 -9.92 9.04
C ALA A 123 -21.81 -9.77 7.64
N LEU A 124 -20.48 -9.85 7.54
CA LEU A 124 -19.81 -9.67 6.25
C LEU A 124 -20.12 -10.76 5.20
N PRO A 125 -20.09 -12.04 5.59
CA PRO A 125 -20.45 -13.07 4.61
C PRO A 125 -21.85 -12.92 4.00
N LYS A 126 -22.81 -12.39 4.77
CA LYS A 126 -24.18 -12.15 4.30
C LYS A 126 -24.26 -11.14 3.15
N VAL A 127 -23.33 -10.19 3.12
CA VAL A 127 -23.32 -9.15 2.10
C VAL A 127 -22.22 -9.33 1.05
N ASN A 128 -21.80 -10.59 0.86
CA ASN A 128 -20.84 -11.02 -0.16
C ASN A 128 -19.41 -10.52 0.07
N CYS A 129 -19.07 -10.40 1.36
CA CYS A 129 -17.75 -9.98 1.79
C CYS A 129 -17.06 -11.06 2.62
N SER A 130 -17.22 -12.33 2.20
CA SER A 130 -16.62 -13.47 2.91
C SER A 130 -15.09 -13.42 2.97
N HIS A 131 -14.45 -12.88 1.93
CA HIS A 131 -12.99 -12.76 1.93
C HIS A 131 -12.46 -11.65 2.85
N LEU A 132 -13.14 -10.50 2.88
CA LEU A 132 -12.87 -9.49 3.91
C LEU A 132 -13.06 -10.06 5.32
N TYR A 133 -14.12 -10.84 5.49
CA TYR A 133 -14.37 -11.57 6.73
C TYR A 133 -13.15 -12.39 7.17
N LYS A 134 -12.71 -13.28 6.29
CA LYS A 134 -11.54 -14.11 6.59
C LYS A 134 -10.30 -13.24 6.83
N TYR A 135 -10.07 -12.24 5.98
CA TYR A 135 -8.90 -11.35 6.09
C TYR A 135 -8.83 -10.64 7.46
N LEU A 136 -9.97 -10.30 8.03
CA LEU A 136 -10.05 -9.61 9.32
C LEU A 136 -9.98 -10.55 10.54
N ASP A 137 -9.75 -11.85 10.30
CA ASP A 137 -9.57 -12.84 11.38
C ASP A 137 -8.60 -12.36 12.47
N ASP A 138 -7.44 -11.89 12.05
CA ASP A 138 -6.41 -11.44 12.98
C ASP A 138 -6.88 -10.31 13.88
N ILE A 139 -7.65 -9.39 13.31
CA ILE A 139 -8.18 -8.22 14.03
C ILE A 139 -9.23 -8.64 15.06
N ASP A 140 -10.06 -9.61 14.69
CA ASP A 140 -11.11 -10.16 15.54
C ASP A 140 -10.50 -10.96 16.71
N THR A 141 -9.48 -11.75 16.40
CA THR A 141 -8.70 -12.48 17.40
C THR A 141 -8.09 -11.53 18.44
N MET A 142 -7.50 -10.42 17.98
CA MET A 142 -7.01 -9.38 18.89
C MET A 142 -8.16 -8.82 19.76
N TYR A 143 -9.26 -8.43 19.11
CA TYR A 143 -10.44 -7.88 19.81
C TYR A 143 -10.95 -8.81 20.93
N HIS A 144 -11.01 -10.12 20.64
CA HIS A 144 -11.41 -11.12 21.63
C HIS A 144 -10.39 -11.25 22.77
N GLU A 145 -9.11 -11.37 22.42
CA GLU A 145 -8.02 -11.37 23.43
C GLU A 145 -8.13 -10.17 24.37
N GLU A 146 -8.60 -9.05 23.84
CA GLU A 146 -8.64 -7.79 24.57
C GLU A 146 -9.95 -7.50 25.34
N SER A 147 -10.91 -8.42 25.32
CA SER A 147 -12.22 -8.20 25.96
C SER A 147 -12.12 -7.78 27.44
N GLN A 148 -11.27 -8.47 28.21
CA GLN A 148 -11.09 -8.14 29.63
C GLN A 148 -10.38 -6.81 29.92
N ASN A 149 -9.78 -6.20 28.90
CA ASN A 149 -9.20 -4.86 29.03
C ASN A 149 -10.14 -3.77 28.52
N LEU A 150 -10.93 -4.13 27.50
CA LEU A 150 -11.91 -3.23 26.91
C LEU A 150 -13.00 -2.82 27.89
N ILE A 151 -13.37 -3.76 28.76
CA ILE A 151 -14.49 -3.59 29.69
C ILE A 151 -14.33 -2.40 30.66
N HIS A 152 -13.08 -1.99 30.89
CA HIS A 152 -12.77 -0.84 31.75
C HIS A 152 -12.89 0.50 31.05
N LEU A 153 -12.93 0.48 29.72
CA LEU A 153 -13.12 1.70 28.93
C LEU A 153 -14.62 1.90 28.67
N LYS A 154 -15.13 3.09 28.94
CA LYS A 154 -16.58 3.32 28.97
C LYS A 154 -17.22 3.60 27.62
N THR A 155 -16.53 4.35 26.78
CA THR A 155 -17.08 4.82 25.51
C THR A 155 -16.48 4.05 24.33
N GLN A 156 -17.17 4.10 23.18
CA GLN A 156 -16.71 3.46 21.95
C GLN A 156 -15.44 4.12 21.44
N ARG A 157 -15.40 5.46 21.52
CA ARG A 157 -14.22 6.23 21.16
C ARG A 157 -12.95 5.69 21.85
N GLU A 158 -13.06 5.46 23.16
CA GLU A 158 -11.96 4.92 23.96
C GLU A 158 -11.54 3.50 23.55
N LYS A 159 -12.52 2.60 23.41
CA LYS A 159 -12.27 1.23 22.96
C LYS A 159 -11.63 1.16 21.57
N SER A 160 -12.14 1.95 20.64
CA SER A 160 -11.59 2.04 19.29
C SER A 160 -10.14 2.58 19.30
N HIS A 161 -9.89 3.61 20.11
CA HIS A 161 -8.54 4.14 20.25
C HIS A 161 -7.60 3.07 20.79
N TYR A 162 -8.02 2.40 21.86
CA TYR A 162 -7.23 1.34 22.47
C TYR A 162 -6.85 0.22 21.48
N LEU A 163 -7.81 -0.24 20.69
CA LEU A 163 -7.56 -1.35 19.76
C LEU A 163 -6.66 -0.96 18.59
N SER A 164 -6.77 0.29 18.15
CA SER A 164 -5.89 0.83 17.11
C SER A 164 -4.42 0.85 17.60
N HIS A 165 -4.23 1.33 18.82
CA HIS A 165 -2.96 1.30 19.51
C HIS A 165 -2.47 -0.14 19.67
N CYS A 166 -3.35 -0.98 20.19
CA CYS A 166 -3.06 -2.39 20.36
C CYS A 166 -2.64 -3.08 19.05
N ASN A 167 -3.29 -2.71 17.94
CA ASN A 167 -2.97 -3.34 16.65
C ASN A 167 -1.56 -2.95 16.18
N VAL A 168 -1.13 -1.73 16.50
CA VAL A 168 0.23 -1.29 16.19
C VAL A 168 1.25 -2.16 16.95
N LYS A 169 1.05 -2.35 18.26
CA LYS A 169 1.89 -3.25 19.06
C LYS A 169 1.94 -4.65 18.45
N ARG A 170 0.76 -5.18 18.15
CA ARG A 170 0.58 -6.54 17.60
C ARG A 170 1.39 -6.78 16.31
N GLN A 171 1.29 -5.86 15.36
CA GLN A 171 2.02 -6.00 14.08
C GLN A 171 3.51 -5.66 14.22
N PHE A 172 3.81 -4.65 15.04
CA PHE A 172 5.20 -4.30 15.40
C PHE A 172 5.97 -5.51 15.95
N ASN A 173 5.35 -6.22 16.89
CA ASN A 173 6.01 -7.36 17.55
C ASN A 173 6.35 -8.50 16.59
N ARG A 174 5.55 -8.64 15.54
CA ARG A 174 5.81 -9.62 14.48
C ARG A 174 6.93 -9.15 13.55
N ILE A 175 6.93 -7.87 13.21
CA ILE A 175 7.99 -7.30 12.36
C ILE A 175 9.38 -7.46 13.01
N ILE A 176 9.45 -7.19 14.31
CA ILE A 176 10.74 -7.24 15.03
C ILE A 176 11.23 -8.66 15.34
N GLU A 177 10.36 -9.66 15.18
CA GLU A 177 10.79 -11.05 15.25
C GLU A 177 11.35 -11.54 13.91
N ASN A 178 11.04 -10.84 12.83
CA ASN A 178 11.52 -11.23 11.51
C ASN A 178 13.07 -11.24 11.47
N PRO A 179 13.67 -12.32 10.93
CA PRO A 179 15.14 -12.50 10.94
C PRO A 179 15.90 -11.45 10.12
N THR A 180 15.34 -11.05 8.98
CA THR A 180 15.90 -9.96 8.18
C THR A 180 15.98 -8.66 9.01
N VAL A 181 14.94 -8.40 9.80
CA VAL A 181 14.85 -7.22 10.64
C VAL A 181 15.85 -7.30 11.79
N GLN A 182 15.86 -8.44 12.50
CA GLN A 182 16.78 -8.66 13.62
C GLN A 182 18.24 -8.48 13.19
N THR A 183 18.62 -9.05 12.07
CA THR A 183 19.99 -8.94 11.55
C THR A 183 20.39 -7.49 11.26
N ALA A 184 19.53 -6.77 10.56
CA ALA A 184 19.84 -5.39 10.19
C ALA A 184 19.91 -4.49 11.43
N VAL A 185 19.04 -4.73 12.41
CA VAL A 185 19.01 -3.95 13.65
C VAL A 185 20.24 -4.21 14.51
N GLN A 186 20.55 -5.49 14.72
CA GLN A 186 21.76 -5.92 15.44
C GLN A 186 23.03 -5.29 14.86
N ASN A 187 23.09 -5.19 13.53
CA ASN A 187 24.22 -4.57 12.82
C ASN A 187 24.23 -3.04 12.82
N GLY A 188 23.21 -2.41 13.41
CA GLY A 188 23.12 -0.95 13.46
C GLY A 188 22.76 -0.31 12.13
N GLU A 189 22.13 -1.08 11.26
CA GLU A 189 21.74 -0.60 9.94
C GLU A 189 20.25 -0.23 9.87
N LEU A 190 19.50 -0.57 10.92
CA LEU A 190 18.04 -0.40 10.91
C LEU A 190 17.45 -0.04 12.28
N GLN A 191 16.42 0.81 12.26
CA GLN A 191 15.57 1.06 13.41
C GLN A 191 14.11 0.82 13.02
N VAL A 192 13.33 0.25 13.92
CA VAL A 192 11.92 -0.02 13.69
C VAL A 192 11.09 0.82 14.66
N TYR A 193 10.14 1.59 14.12
CA TYR A 193 9.21 2.37 14.93
C TYR A 193 7.77 1.91 14.69
N GLY A 194 7.00 1.81 15.78
CA GLY A 194 5.58 1.57 15.71
C GLY A 194 4.90 2.87 16.09
N LEU A 195 4.12 3.42 15.15
CA LEU A 195 3.49 4.73 15.34
C LEU A 195 1.97 4.64 15.16
N LEU A 196 1.26 5.58 15.76
CA LEU A 196 -0.19 5.71 15.62
C LEU A 196 -0.54 7.10 15.12
N TYR A 197 -1.15 7.17 13.94
CA TYR A 197 -1.63 8.41 13.35
C TYR A 197 -3.03 8.73 13.87
N ASN A 198 -3.21 9.93 14.41
CA ASN A 198 -4.51 10.40 14.89
C ASN A 198 -5.17 11.19 13.77
N VAL A 199 -6.24 10.62 13.21
CA VAL A 199 -6.92 11.21 12.05
C VAL A 199 -7.47 12.62 12.32
N GLU A 200 -7.76 12.88 13.60
CA GLU A 200 -8.37 14.15 14.01
C GLU A 200 -7.39 15.32 14.06
N ASP A 201 -6.09 15.03 14.12
CA ASP A 201 -5.13 16.13 14.16
C ASP A 201 -3.88 15.94 13.30
N GLY A 202 -3.70 14.74 12.74
CA GLY A 202 -2.60 14.47 11.84
C GLY A 202 -1.30 14.15 12.56
N LEU A 203 -1.37 14.08 13.88
CA LEU A 203 -0.20 13.82 14.70
C LEU A 203 0.14 12.35 14.84
N LEU A 204 1.44 12.06 14.76
CA LEU A 204 1.96 10.74 15.03
C LEU A 204 2.32 10.63 16.49
N GLN A 205 1.98 9.48 17.06
CA GLN A 205 2.22 9.16 18.45
C GLN A 205 3.05 7.87 18.52
N THR A 206 4.05 7.83 19.40
CA THR A 206 4.91 6.65 19.52
C THR A 206 4.25 5.52 20.30
N VAL A 207 4.19 4.34 19.69
CA VAL A 207 3.70 3.13 20.36
C VAL A 207 4.87 2.26 20.83
N SER A 208 5.85 2.04 19.94
CA SER A 208 6.95 1.12 20.20
C SER A 208 8.20 1.50 19.39
N THR A 209 9.39 1.17 19.91
CA THR A 209 10.65 1.35 19.17
C THR A 209 11.58 0.13 19.32
N TYR A 210 12.28 -0.22 18.24
CA TYR A 210 13.23 -1.33 18.26
C TYR A 210 14.47 -0.93 17.49
N THR A 211 15.55 -0.69 18.24
CA THR A 211 16.83 -0.25 17.65
C THR A 211 17.95 -1.13 18.20
N LYS A 212 19.19 -0.84 17.78
CA LYS A 212 20.36 -1.60 18.22
C LYS A 212 20.51 -1.55 19.75
N VAL A 213 20.12 -0.43 20.36
CA VAL A 213 20.36 -0.15 21.77
C VAL A 213 19.18 -0.47 22.71
N THR A 214 17.99 -0.68 22.14
CA THR A 214 16.81 -1.06 22.97
C THR A 214 17.04 -2.43 23.66
N PRO A 215 16.62 -2.55 24.93
CA PRO A 215 16.70 -3.84 25.63
C PRO A 215 15.94 -4.94 24.89
N LYS A 216 16.58 -6.09 24.73
CA LYS A 216 16.02 -7.23 24.00
C LYS A 216 16.05 -8.53 24.84
N ASN B 12 16.10 10.03 12.22
CA ASN B 12 15.59 9.23 13.38
C ASN B 12 14.18 9.65 13.85
N LEU B 13 13.74 9.05 14.96
CA LEU B 13 12.38 9.21 15.48
C LEU B 13 12.06 10.63 15.92
N GLN B 14 13.00 11.25 16.65
CA GLN B 14 12.87 12.66 17.07
C GLN B 14 12.64 13.56 15.86
N ASP B 15 13.45 13.38 14.80
CA ASP B 15 13.32 14.14 13.57
C ASP B 15 11.98 13.86 12.86
N ILE B 16 11.54 12.61 12.90
CA ILE B 16 10.29 12.20 12.25
C ILE B 16 9.07 12.82 12.95
N LEU B 17 9.04 12.77 14.28
CA LEU B 17 7.97 13.40 15.05
C LEU B 17 7.92 14.92 14.87
N ALA B 18 9.08 15.57 14.82
CA ALA B 18 9.17 17.01 14.55
C ALA B 18 8.67 17.37 13.15
N ALA B 19 9.09 16.58 12.15
CA ALA B 19 8.66 16.80 10.77
C ALA B 19 7.16 16.56 10.60
N ASN B 20 6.63 15.55 11.31
CA ASN B 20 5.19 15.31 11.32
C ASN B 20 4.41 16.46 11.96
N ALA B 21 4.87 16.90 13.13
CA ALA B 21 4.21 18.01 13.84
C ALA B 21 4.10 19.24 12.94
N LYS B 22 5.23 19.61 12.33
CA LYS B 22 5.34 20.73 11.40
C LYS B 22 4.40 20.57 10.20
N TRP B 23 4.44 19.39 9.58
CA TRP B 23 3.52 19.00 8.50
C TRP B 23 2.05 19.14 8.90
N ALA B 24 1.70 18.61 10.06
CA ALA B 24 0.31 18.67 10.55
C ALA B 24 -0.18 20.11 10.75
N SER B 25 0.70 20.98 11.25
CA SER B 25 0.40 22.39 11.43
C SER B 25 0.17 23.05 10.08
N GLN B 26 1.06 22.79 9.13
CA GLN B 26 0.93 23.33 7.77
C GLN B 26 -0.35 22.87 7.05
N MET B 27 -0.79 21.64 7.32
CA MET B 27 -2.06 21.12 6.80
C MET B 27 -3.26 21.75 7.50
N ASN B 28 -3.21 21.84 8.84
CA ASN B 28 -4.29 22.45 9.61
C ASN B 28 -4.49 23.95 9.33
N ASN B 29 -3.40 24.65 9.00
CA ASN B 29 -3.50 26.07 8.66
C ASN B 29 -4.08 26.33 7.27
N ILE B 30 -3.73 25.47 6.32
CA ILE B 30 -4.31 25.54 4.98
C ILE B 30 -5.74 24.96 4.97
N GLN B 31 -5.89 23.73 5.46
CA GLN B 31 -7.14 22.99 5.33
C GLN B 31 -7.54 22.23 6.62
N PRO B 32 -8.18 22.93 7.58
CA PRO B 32 -8.56 22.28 8.85
C PRO B 32 -9.66 21.25 8.68
N THR B 33 -10.49 21.44 7.66
CA THR B 33 -11.63 20.57 7.38
C THR B 33 -11.22 19.20 6.81
N LEU B 34 -9.93 19.05 6.51
CA LEU B 34 -9.37 17.76 6.07
C LEU B 34 -9.28 16.73 7.21
N PHE B 35 -9.33 17.21 8.45
CA PHE B 35 -9.31 16.34 9.63
C PHE B 35 -10.71 16.01 10.12
N SER B 44 -15.45 9.57 2.97
CA SER B 44 -15.66 8.30 2.26
C SER B 44 -15.09 8.38 0.84
N PRO B 45 -14.13 7.50 0.52
CA PRO B 45 -13.46 7.53 -0.78
C PRO B 45 -14.33 7.05 -1.96
N HIS B 46 -14.04 7.60 -3.14
CA HIS B 46 -14.72 7.22 -4.38
C HIS B 46 -13.85 6.29 -5.23
N THR B 47 -12.58 6.14 -4.85
CA THR B 47 -11.61 5.41 -5.65
C THR B 47 -10.76 4.44 -4.82
N LEU B 48 -10.64 3.21 -5.32
CA LEU B 48 -9.61 2.30 -4.88
C LEU B 48 -8.44 2.39 -5.87
N PHE B 49 -7.28 2.76 -5.34
CA PHE B 49 -6.05 2.84 -6.12
C PHE B 49 -5.16 1.68 -5.70
N ILE B 50 -4.71 0.91 -6.70
CA ILE B 50 -3.75 -0.16 -6.50
C ILE B 50 -2.46 0.18 -7.25
N GLY B 51 -1.39 0.38 -6.50
CA GLY B 51 -0.13 0.85 -7.07
C GLY B 51 1.05 0.09 -6.52
N CYS B 52 2.22 0.32 -7.10
CA CYS B 52 3.45 -0.29 -6.61
C CYS B 52 3.95 0.42 -5.36
N SER B 53 4.64 -0.32 -4.48
CA SER B 53 5.23 0.25 -3.27
C SER B 53 6.28 1.35 -3.54
N ASP B 54 6.77 1.40 -4.78
CA ASP B 54 7.72 2.41 -5.24
C ASP B 54 7.49 3.81 -4.62
N SER B 55 8.56 4.38 -4.07
CA SER B 55 8.53 5.64 -3.35
C SER B 55 8.21 6.89 -4.19
N ARG B 56 8.32 6.77 -5.51
CA ARG B 56 8.24 7.94 -6.37
C ARG B 56 6.80 8.37 -6.71
N TYR B 57 5.83 7.50 -6.46
CA TYR B 57 4.41 7.82 -6.70
C TYR B 57 3.51 7.15 -5.68
N ASN B 58 2.28 7.66 -5.61
CA ASN B 58 1.21 7.09 -4.81
C ASN B 58 -0.12 7.65 -5.34
N GLU B 59 -1.18 7.57 -4.53
CA GLU B 59 -2.50 8.03 -4.93
C GLU B 59 -2.57 9.53 -5.24
N ASN B 60 -1.63 10.31 -4.68
CA ASN B 60 -1.59 11.75 -4.92
C ASN B 60 -1.33 12.14 -6.39
N CYS B 61 -0.80 11.20 -7.20
CA CYS B 61 -0.63 11.44 -8.65
C CYS B 61 -1.96 11.62 -9.43
N LEU B 62 -3.06 11.14 -8.85
CA LEU B 62 -4.40 11.30 -9.42
C LEU B 62 -4.88 12.74 -9.36
N GLY B 63 -4.28 13.53 -8.48
CA GLY B 63 -4.50 14.97 -8.41
C GLY B 63 -5.76 15.37 -7.68
N VAL B 64 -6.36 14.43 -6.95
CA VAL B 64 -7.62 14.68 -6.27
C VAL B 64 -7.43 14.95 -4.76
N LEU B 65 -8.53 15.27 -4.06
CA LEU B 65 -8.50 15.63 -2.64
C LEU B 65 -8.10 14.46 -1.73
N PRO B 66 -7.45 14.75 -0.58
CA PRO B 66 -7.12 13.71 0.41
C PRO B 66 -8.37 13.20 1.17
N GLY B 67 -8.41 11.89 1.43
CA GLY B 67 -9.63 11.24 1.92
C GLY B 67 -10.47 10.70 0.77
N GLU B 68 -10.05 10.95 -0.46
CA GLU B 68 -10.84 10.54 -1.64
C GLU B 68 -10.43 9.20 -2.24
N VAL B 69 -9.22 8.73 -1.91
CA VAL B 69 -8.62 7.54 -2.54
C VAL B 69 -8.10 6.56 -1.48
N PHE B 70 -8.74 5.39 -1.46
CA PHE B 70 -8.35 4.25 -0.65
C PHE B 70 -7.30 3.44 -1.45
N THR B 71 -6.19 3.07 -0.80
CA THR B 71 -4.99 2.63 -1.56
C THR B 71 -4.42 1.32 -1.09
N TRP B 72 -4.25 0.40 -2.04
CA TRP B 72 -3.50 -0.82 -1.80
C TRP B 72 -2.18 -0.69 -2.55
N LYS B 73 -1.08 -0.66 -1.80
CA LYS B 73 0.22 -0.42 -2.40
C LYS B 73 1.07 -1.62 -2.04
N ASN B 74 1.50 -2.38 -3.05
CA ASN B 74 2.40 -3.52 -2.84
C ASN B 74 3.54 -3.60 -3.89
N VAL B 75 4.59 -4.36 -3.62
CA VAL B 75 5.75 -4.51 -4.54
C VAL B 75 5.27 -4.98 -5.92
N ALA B 76 5.66 -4.23 -6.96
CA ALA B 76 5.30 -4.50 -8.37
C ALA B 76 3.79 -4.58 -8.66
N ASN B 77 2.97 -4.01 -7.78
CA ASN B 77 1.49 -4.02 -7.91
C ASN B 77 0.88 -5.35 -8.37
N ILE B 78 1.20 -6.43 -7.66
CA ILE B 78 0.78 -7.76 -8.07
C ILE B 78 -0.59 -8.11 -7.51
N CYS B 79 -1.49 -8.56 -8.39
CA CYS B 79 -2.86 -8.90 -8.02
C CYS B 79 -3.21 -10.33 -8.41
N HIS B 80 -2.74 -11.33 -7.65
CA HIS B 80 -3.09 -12.72 -7.92
C HIS B 80 -4.58 -12.90 -7.69
N SER B 81 -5.26 -13.52 -8.65
CA SER B 81 -6.71 -13.71 -8.58
C SER B 81 -7.17 -14.36 -7.27
N GLU B 82 -6.36 -15.26 -6.74
CA GLU B 82 -6.73 -16.03 -5.56
C GLU B 82 -6.08 -15.50 -4.27
N ASP B 83 -5.41 -14.36 -4.35
CA ASP B 83 -4.83 -13.71 -3.17
C ASP B 83 -5.96 -13.18 -2.29
N LEU B 84 -5.94 -13.55 -1.00
CA LEU B 84 -6.98 -13.16 -0.07
C LEU B 84 -7.08 -11.63 0.06
N THR B 85 -5.92 -10.97 0.11
CA THR B 85 -5.85 -9.51 0.18
C THR B 85 -6.53 -8.83 -1.02
N LEU B 86 -6.29 -9.32 -2.24
CA LEU B 86 -6.99 -8.76 -3.40
C LEU B 86 -8.53 -8.81 -3.22
N LYS B 87 -9.06 -9.99 -2.93
CA LYS B 87 -10.49 -10.21 -2.77
C LYS B 87 -11.09 -9.39 -1.62
N ALA B 88 -10.45 -9.46 -0.47
CA ALA B 88 -10.83 -8.66 0.71
C ALA B 88 -10.79 -7.15 0.40
N THR B 89 -9.74 -6.70 -0.25
CA THR B 89 -9.61 -5.29 -0.60
C THR B 89 -10.71 -4.83 -1.57
N LEU B 90 -10.95 -5.61 -2.62
CA LEU B 90 -12.02 -5.32 -3.57
C LEU B 90 -13.41 -5.36 -2.92
N GLU B 91 -13.66 -6.37 -2.06
CA GLU B 91 -14.94 -6.46 -1.37
C GLU B 91 -15.17 -5.25 -0.45
N PHE B 92 -14.15 -4.88 0.33
CA PHE B 92 -14.30 -3.72 1.20
C PHE B 92 -14.54 -2.42 0.43
N ALA B 93 -13.72 -2.20 -0.61
CA ALA B 93 -13.82 -0.97 -1.41
C ALA B 93 -15.16 -0.83 -2.17
N ILE B 94 -15.55 -1.89 -2.88
CA ILE B 94 -16.75 -1.87 -3.73
C ILE B 94 -18.05 -2.00 -2.94
N ILE B 95 -18.13 -2.98 -2.05
CA ILE B 95 -19.36 -3.25 -1.29
C ILE B 95 -19.53 -2.34 -0.06
N CYS B 96 -18.48 -2.18 0.75
CA CYS B 96 -18.59 -1.42 1.98
C CYS B 96 -18.36 0.07 1.78
N LEU B 97 -17.24 0.45 1.14
CA LEU B 97 -16.99 1.86 0.85
C LEU B 97 -17.79 2.42 -0.33
N LYS B 98 -18.22 1.52 -1.22
CA LYS B 98 -18.95 1.88 -2.44
C LYS B 98 -18.16 2.85 -3.33
N VAL B 99 -16.90 2.51 -3.56
CA VAL B 99 -16.08 3.26 -4.52
C VAL B 99 -16.70 3.05 -5.90
N ASN B 100 -16.60 4.05 -6.77
CA ASN B 100 -17.10 3.86 -8.14
C ASN B 100 -15.98 3.74 -9.18
N LYS B 101 -14.73 3.71 -8.70
CA LYS B 101 -13.57 3.54 -9.57
C LYS B 101 -12.54 2.62 -8.91
N VAL B 102 -12.09 1.62 -9.65
CA VAL B 102 -10.91 0.86 -9.26
C VAL B 102 -9.81 1.17 -10.25
N ILE B 103 -8.67 1.61 -9.73
CA ILE B 103 -7.52 1.94 -10.56
C ILE B 103 -6.34 1.01 -10.23
N ILE B 104 -5.88 0.31 -11.26
CA ILE B 104 -4.64 -0.45 -11.14
C ILE B 104 -3.58 0.37 -11.88
N CYS B 105 -2.61 0.87 -11.12
CA CYS B 105 -1.68 1.81 -11.65
C CYS B 105 -0.25 1.34 -11.45
N GLY B 106 0.32 0.80 -12.53
CA GLY B 106 1.73 0.44 -12.55
C GLY B 106 2.56 1.67 -12.86
N HIS B 107 3.84 1.48 -13.08
CA HIS B 107 4.71 2.60 -13.37
C HIS B 107 5.93 2.15 -14.13
N THR B 108 6.58 3.09 -14.81
CA THR B 108 7.78 2.78 -15.56
C THR B 108 8.95 2.74 -14.58
N ASP B 109 10.01 2.02 -14.95
CA ASP B 109 11.22 1.85 -14.11
C ASP B 109 10.88 1.13 -12.80
N CYS B 110 10.17 0.01 -12.92
CA CYS B 110 9.77 -0.80 -11.78
C CYS B 110 10.85 -1.83 -11.38
N GLY B 111 11.34 -1.71 -10.14
CA GLY B 111 12.45 -2.54 -9.65
C GLY B 111 12.26 -4.04 -9.80
N GLY B 112 11.09 -4.52 -9.42
CA GLY B 112 10.75 -5.96 -9.54
C GLY B 112 10.74 -6.46 -10.96
N ILE B 113 10.29 -5.64 -11.89
CA ILE B 113 10.34 -5.97 -13.31
C ILE B 113 11.79 -5.97 -13.83
N LYS B 114 12.56 -4.96 -13.46
CA LYS B 114 13.95 -4.83 -13.89
C LYS B 114 14.82 -5.95 -13.33
N THR B 115 14.51 -6.41 -12.12
CA THR B 115 15.18 -7.57 -11.53
C THR B 115 15.04 -8.84 -12.40
N CYS B 116 13.84 -9.07 -12.92
CA CYS B 116 13.58 -10.20 -13.79
C CYS B 116 14.12 -9.97 -15.19
N LEU B 117 13.85 -8.80 -15.74
CA LEU B 117 14.30 -8.44 -17.08
C LEU B 117 15.82 -8.63 -17.23
N THR B 118 16.57 -8.19 -16.22
CA THR B 118 18.03 -8.24 -16.26
C THR B 118 18.58 -9.55 -15.66
N ASN B 119 17.69 -10.52 -15.42
CA ASN B 119 18.03 -11.85 -14.92
C ASN B 119 18.85 -11.83 -13.62
N GLN B 120 18.45 -10.96 -12.72
CA GLN B 120 19.06 -10.90 -11.40
C GLN B 120 18.16 -11.47 -10.30
N ARG B 121 16.97 -11.94 -10.67
CA ARG B 121 16.07 -12.63 -9.75
C ARG B 121 16.78 -13.88 -9.17
N GLU B 122 17.56 -14.55 -10.02
CA GLU B 122 18.28 -15.77 -9.61
C GLU B 122 19.30 -15.50 -8.50
N ALA B 123 19.70 -14.24 -8.35
CA ALA B 123 20.67 -13.85 -7.32
C ALA B 123 20.05 -13.64 -5.93
N LEU B 124 18.71 -13.61 -5.85
CA LEU B 124 18.03 -13.24 -4.62
C LEU B 124 18.21 -14.24 -3.45
N PRO B 125 18.11 -15.57 -3.71
CA PRO B 125 18.38 -16.54 -2.63
C PRO B 125 19.77 -16.40 -1.96
N LYS B 126 20.80 -16.10 -2.75
CA LYS B 126 22.16 -15.91 -2.24
C LYS B 126 22.25 -14.76 -1.23
N VAL B 127 21.42 -13.73 -1.42
CA VAL B 127 21.49 -12.55 -0.56
C VAL B 127 20.39 -12.56 0.50
N ASN B 128 19.92 -13.76 0.80
CA ASN B 128 18.96 -13.98 1.88
C ASN B 128 17.60 -13.29 1.60
N CYS B 129 17.22 -13.29 0.31
CA CYS B 129 15.93 -12.75 -0.16
C CYS B 129 15.10 -13.80 -0.90
N SER B 130 14.98 -14.99 -0.32
CA SER B 130 14.32 -16.11 -0.99
C SER B 130 12.81 -15.89 -1.06
N HIS B 131 12.27 -15.08 -0.17
CA HIS B 131 10.84 -14.77 -0.22
C HIS B 131 10.52 -13.71 -1.28
N LEU B 132 11.36 -12.69 -1.39
CA LEU B 132 11.25 -11.78 -2.53
C LEU B 132 11.38 -12.56 -3.84
N TYR B 133 12.29 -13.55 -3.84
CA TYR B 133 12.46 -14.42 -5.00
C TYR B 133 11.11 -15.09 -5.37
N LYS B 134 10.46 -15.71 -4.40
CA LYS B 134 9.19 -16.40 -4.66
C LYS B 134 8.09 -15.41 -5.06
N TYR B 135 8.03 -14.27 -4.36
CA TYR B 135 7.05 -13.20 -4.62
C TYR B 135 7.08 -12.71 -6.07
N LEU B 136 8.28 -12.68 -6.65
CA LEU B 136 8.46 -12.14 -7.98
C LEU B 136 8.24 -13.17 -9.09
N ASP B 137 7.82 -14.38 -8.72
CA ASP B 137 7.54 -15.45 -9.71
C ASP B 137 6.63 -14.98 -10.85
N ASP B 138 5.54 -14.29 -10.51
CA ASP B 138 4.58 -13.82 -11.50
C ASP B 138 5.20 -12.86 -12.54
N ILE B 139 6.03 -11.94 -12.06
CA ILE B 139 6.73 -10.98 -12.90
C ILE B 139 7.72 -11.71 -13.83
N ASP B 140 8.41 -12.70 -13.30
CA ASP B 140 9.39 -13.47 -14.08
C ASP B 140 8.70 -14.37 -15.12
N THR B 141 7.57 -14.96 -14.72
CA THR B 141 6.75 -15.70 -15.68
C THR B 141 6.29 -14.80 -16.83
N MET B 142 5.85 -13.58 -16.50
CA MET B 142 5.49 -12.63 -17.54
C MET B 142 6.69 -12.31 -18.45
N TYR B 143 7.85 -12.05 -17.84
CA TYR B 143 9.08 -11.76 -18.59
C TYR B 143 9.40 -12.89 -19.58
N HIS B 144 9.36 -14.15 -19.10
CA HIS B 144 9.62 -15.30 -19.96
C HIS B 144 8.56 -15.49 -21.05
N GLU B 145 7.28 -15.34 -20.69
CA GLU B 145 6.18 -15.39 -21.68
C GLU B 145 6.37 -14.36 -22.80
N GLU B 146 6.99 -13.23 -22.48
CA GLU B 146 7.11 -12.12 -23.39
C GLU B 146 8.45 -12.05 -24.11
N SER B 147 9.34 -13.02 -23.84
CA SER B 147 10.73 -12.96 -24.31
C SER B 147 10.94 -12.83 -25.83
N GLN B 148 10.12 -13.53 -26.61
CA GLN B 148 10.14 -13.38 -28.09
C GLN B 148 9.59 -12.01 -28.52
N ASN B 149 8.54 -11.58 -27.84
CA ASN B 149 7.97 -10.25 -28.04
C ASN B 149 8.92 -9.09 -27.75
N LEU B 150 9.94 -9.36 -26.93
CA LEU B 150 10.93 -8.38 -26.49
C LEU B 150 12.17 -8.27 -27.40
N ILE B 151 12.36 -9.24 -28.28
CA ILE B 151 13.54 -9.31 -29.15
C ILE B 151 13.79 -8.05 -29.99
N HIS B 152 12.70 -7.46 -30.52
CA HIS B 152 12.81 -6.27 -31.37
C HIS B 152 13.24 -5.00 -30.63
N LEU B 153 13.14 -5.03 -29.30
CA LEU B 153 13.51 -3.87 -28.50
C LEU B 153 14.96 -3.99 -28.07
N LYS B 154 15.80 -3.12 -28.61
CA LYS B 154 17.25 -3.20 -28.47
C LYS B 154 17.80 -2.58 -27.17
N THR B 155 17.02 -1.75 -26.49
CA THR B 155 17.48 -1.14 -25.24
C THR B 155 16.70 -1.67 -24.03
N GLN B 156 17.37 -1.70 -22.88
CA GLN B 156 16.72 -2.08 -21.62
C GLN B 156 15.60 -1.12 -21.23
N ARG B 157 15.78 0.15 -21.55
CA ARG B 157 14.73 1.18 -21.38
C ARG B 157 13.43 0.81 -22.10
N GLU B 158 13.53 0.38 -23.36
CA GLU B 158 12.35 -0.03 -24.13
C GLU B 158 11.72 -1.31 -23.56
N LYS B 159 12.57 -2.28 -23.25
CA LYS B 159 12.10 -3.54 -22.66
C LYS B 159 11.35 -3.32 -21.36
N SER B 160 11.94 -2.49 -20.50
CA SER B 160 11.37 -2.14 -19.19
C SER B 160 10.04 -1.41 -19.35
N HIS B 161 9.95 -0.49 -20.31
CA HIS B 161 8.68 0.16 -20.64
C HIS B 161 7.60 -0.84 -21.07
N TYR B 162 7.97 -1.71 -22.01
CA TYR B 162 7.06 -2.75 -22.53
C TYR B 162 6.52 -3.59 -21.38
N LEU B 163 7.42 -3.99 -20.47
CA LEU B 163 7.06 -4.89 -19.38
C LEU B 163 6.25 -4.23 -18.28
N SER B 164 6.55 -2.97 -17.98
CA SER B 164 5.71 -2.13 -17.12
C SER B 164 4.24 -2.08 -17.60
N HIS B 165 4.07 -1.84 -18.90
CA HIS B 165 2.78 -1.76 -19.56
C HIS B 165 2.07 -3.13 -19.53
N CYS B 166 2.82 -4.17 -19.92
CA CYS B 166 2.33 -5.54 -19.90
C CYS B 166 1.83 -5.94 -18.51
N ASN B 167 2.58 -5.58 -17.48
CA ASN B 167 2.17 -5.86 -16.11
C ASN B 167 0.87 -5.16 -15.68
N VAL B 168 0.65 -3.91 -16.11
CA VAL B 168 -0.64 -3.24 -15.86
C VAL B 168 -1.79 -4.09 -16.41
N LYS B 169 -1.69 -4.52 -17.67
CA LYS B 169 -2.75 -5.30 -18.31
C LYS B 169 -2.90 -6.66 -17.65
N ARG B 170 -1.78 -7.28 -17.30
CA ARG B 170 -1.76 -8.58 -16.62
C ARG B 170 -2.56 -8.52 -15.31
N GLN B 171 -2.30 -7.52 -14.48
CA GLN B 171 -2.98 -7.41 -13.17
C GLN B 171 -4.44 -6.94 -13.32
N PHE B 172 -4.64 -5.97 -14.22
CA PHE B 172 -5.97 -5.49 -14.64
C PHE B 172 -6.88 -6.66 -15.04
N ASN B 173 -6.35 -7.56 -15.86
CA ASN B 173 -7.12 -8.69 -16.38
C ASN B 173 -7.67 -9.60 -15.30
N ARG B 174 -6.92 -9.74 -14.21
CA ARG B 174 -7.35 -10.53 -13.08
C ARG B 174 -8.43 -9.80 -12.25
N ILE B 175 -8.23 -8.50 -12.06
CA ILE B 175 -9.15 -7.67 -11.29
C ILE B 175 -10.54 -7.69 -11.88
N ILE B 176 -10.63 -7.51 -13.20
CA ILE B 176 -11.92 -7.48 -13.89
C ILE B 176 -12.61 -8.86 -13.96
N GLU B 177 -11.89 -9.93 -13.66
CA GLU B 177 -12.51 -11.26 -13.59
C GLU B 177 -13.02 -11.59 -12.18
N ASN B 178 -12.65 -10.77 -11.20
CA ASN B 178 -13.17 -10.94 -9.84
C ASN B 178 -14.68 -10.71 -9.82
N PRO B 179 -15.43 -11.61 -9.15
CA PRO B 179 -16.90 -11.52 -9.17
C PRO B 179 -17.47 -10.22 -8.63
N THR B 180 -16.84 -9.66 -7.59
CA THR B 180 -17.27 -8.41 -7.00
C THR B 180 -17.17 -7.28 -8.01
N VAL B 181 -16.02 -7.23 -8.70
CA VAL B 181 -15.75 -6.23 -9.73
C VAL B 181 -16.73 -6.37 -10.90
N GLN B 182 -16.95 -7.59 -11.37
CA GLN B 182 -17.82 -7.86 -12.51
C GLN B 182 -19.28 -7.47 -12.24
N THR B 183 -19.78 -7.82 -11.06
CA THR B 183 -21.13 -7.44 -10.64
C THR B 183 -21.30 -5.92 -10.65
N ALA B 184 -20.42 -5.19 -9.99
CA ALA B 184 -20.53 -3.73 -9.90
C ALA B 184 -20.42 -3.03 -11.26
N VAL B 185 -19.55 -3.53 -12.12
CA VAL B 185 -19.36 -2.96 -13.45
C VAL B 185 -20.61 -3.23 -14.30
N GLN B 186 -21.12 -4.46 -14.24
CA GLN B 186 -22.32 -4.78 -15.00
C GLN B 186 -23.57 -4.04 -14.51
N ASN B 187 -23.59 -3.69 -13.23
CA ASN B 187 -24.62 -2.85 -12.64
C ASN B 187 -24.46 -1.38 -13.02
N GLY B 188 -23.31 -1.03 -13.59
CA GLY B 188 -23.03 0.34 -14.00
C GLY B 188 -22.73 1.21 -12.80
N GLU B 189 -22.22 0.58 -11.74
CA GLU B 189 -21.90 1.25 -10.48
C GLU B 189 -20.38 1.34 -10.29
N LEU B 190 -19.62 0.84 -11.26
CA LEU B 190 -18.16 0.83 -11.17
C LEU B 190 -17.49 0.88 -12.52
N GLN B 191 -16.38 1.63 -12.61
CA GLN B 191 -15.48 1.55 -13.78
C GLN B 191 -14.08 1.16 -13.31
N VAL B 192 -13.37 0.40 -14.14
CA VAL B 192 -12.01 -0.05 -13.79
C VAL B 192 -11.04 0.52 -14.83
N TYR B 193 -9.98 1.18 -14.36
CA TYR B 193 -8.97 1.71 -15.27
C TYR B 193 -7.60 1.11 -15.01
N GLY B 194 -6.92 0.72 -16.08
CA GLY B 194 -5.54 0.26 -16.02
C GLY B 194 -4.69 1.42 -16.49
N LEU B 195 -3.82 1.90 -15.60
CA LEU B 195 -3.01 3.07 -15.89
C LEU B 195 -1.52 2.82 -15.69
N LEU B 196 -0.70 3.59 -16.39
CA LEU B 196 0.74 3.48 -16.27
C LEU B 196 1.32 4.85 -15.98
N TYR B 197 1.94 4.96 -14.80
CA TYR B 197 2.57 6.19 -14.35
C TYR B 197 4.00 6.29 -14.89
N ASN B 198 4.28 7.38 -15.61
CA ASN B 198 5.63 7.60 -16.14
C ASN B 198 6.41 8.39 -15.11
N VAL B 199 7.42 7.76 -14.50
CA VAL B 199 8.23 8.39 -13.44
C VAL B 199 9.10 9.56 -13.95
N GLU B 200 9.32 9.60 -15.25
CA GLU B 200 10.10 10.68 -15.86
C GLU B 200 9.35 12.01 -15.97
N ASP B 201 8.01 11.98 -16.01
CA ASP B 201 7.22 13.21 -16.19
C ASP B 201 5.95 13.33 -15.32
N GLY B 202 5.68 12.32 -14.51
CA GLY B 202 4.52 12.31 -13.62
C GLY B 202 3.17 12.10 -14.30
N LEU B 203 3.19 11.74 -15.58
CA LEU B 203 1.96 11.59 -16.35
C LEU B 203 1.43 10.14 -16.45
N LEU B 204 0.12 10.03 -16.32
CA LEU B 204 -0.60 8.75 -16.46
C LEU B 204 -0.99 8.43 -17.90
N GLN B 205 -0.59 7.24 -18.32
CA GLN B 205 -0.98 6.67 -19.59
C GLN B 205 -2.11 5.67 -19.35
N THR B 206 -3.14 5.71 -20.20
CA THR B 206 -4.21 4.73 -20.15
C THR B 206 -3.79 3.42 -20.83
N VAL B 207 -3.82 2.32 -20.09
CA VAL B 207 -3.49 1.00 -20.62
C VAL B 207 -4.78 0.24 -21.00
N SER B 208 -5.76 0.28 -20.12
CA SER B 208 -7.00 -0.48 -20.31
C SER B 208 -8.11 0.14 -19.51
N THR B 209 -9.34 -0.09 -19.95
CA THR B 209 -10.53 0.36 -19.21
C THR B 209 -11.61 -0.71 -19.32
N TYR B 210 -12.44 -0.79 -18.30
CA TYR B 210 -13.55 -1.71 -18.26
C TYR B 210 -14.75 -0.98 -17.65
N THR B 211 -15.83 -0.88 -18.42
CA THR B 211 -17.05 -0.22 -17.98
C THR B 211 -18.26 -1.07 -18.36
N LYS B 212 -19.45 -0.66 -17.91
CA LYS B 212 -20.70 -1.33 -18.24
C LYS B 212 -20.81 -1.67 -19.73
N VAL B 213 -20.44 -0.73 -20.60
CA VAL B 213 -20.63 -0.85 -22.05
C VAL B 213 -19.34 -1.14 -22.85
N THR B 214 -18.29 -1.56 -22.15
CA THR B 214 -16.97 -1.87 -22.72
C THR B 214 -16.70 -3.36 -22.55
N PRO B 215 -16.29 -4.05 -23.63
CA PRO B 215 -15.89 -5.46 -23.49
C PRO B 215 -14.63 -5.60 -22.63
N LYS B 216 -14.44 -6.74 -21.98
CA LYS B 216 -13.22 -7.00 -21.20
C LYS B 216 -12.00 -7.09 -22.12
ZN ZN C . -7.50 1.53 8.92
C ACT D . -9.92 -0.27 6.90
O ACT D . -9.34 0.48 6.10
OXT ACT D . -11.15 -0.27 6.82
CH3 ACT D . -9.19 -1.13 7.87
C ACT E . 9.67 -2.43 -6.61
O ACT E . 9.14 -2.21 -5.51
OXT ACT E . 10.65 -1.72 -6.88
CH3 ACT E . 9.15 -3.47 -7.54
C1 EDO F . 1.90 -14.64 13.70
O1 EDO F . 2.91 -13.95 14.46
C2 EDO F . 1.44 -13.77 12.54
O2 EDO F . 0.06 -14.00 12.25
C1 EDO G . 18.41 -13.13 8.18
O1 EDO G . 19.75 -12.62 8.35
C2 EDO G . 18.35 -14.29 7.19
O2 EDO G . 17.05 -14.89 7.21
ZN ZN H . 7.43 -0.69 -8.97
C1 EDO I . -4.10 -15.72 -10.94
O1 EDO I . -4.42 -15.46 -12.32
C2 EDO I . -2.79 -15.04 -10.56
O2 EDO I . -1.94 -15.91 -9.79
C1 EDO J . 9.89 6.25 -19.01
O1 EDO J . 10.15 6.28 -17.60
C2 EDO J . 9.88 4.80 -19.45
O2 EDO J . 9.36 4.71 -20.77
#